data_8G0I
#
_entry.id   8G0I
#
_cell.length_a   82.100
_cell.length_b   86.666
_cell.length_c   52.090
_cell.angle_alpha   90.00
_cell.angle_beta   90.00
_cell.angle_gamma   90.00
#
_symmetry.space_group_name_H-M   'P 21 21 2'
#
loop_
_entity.id
_entity.type
_entity.pdbx_description
1 polymer 'Green fluorescent protein'
2 polymer 'LaG24 Nanobody'
3 non-polymer 'CHLORIDE ION'
4 non-polymer 'SODIUM ION'
5 water water
#
loop_
_entity_poly.entity_id
_entity_poly.type
_entity_poly.pdbx_seq_one_letter_code
_entity_poly.pdbx_strand_id
1 'polypeptide(L)'
;MASKGEELFTGVVPILVELDGDVNGHKFSVSGEGEGDATYGKLTLKFICTTGKLPVPWPTLVTTF(CR2)VQCFARYPDH
MKQHDFFKSAMPEGYVQERTIFFKDDGNYKTRAEVKFEGDTLVNRIELKGIDFKEDGNILGHKLEYNYNSHNVYIMADKQ
KNGIKVNFKIRHNIEDGSVHLADHYQQNTPIGDGPVLLPDNHYLSTQSALSKDPNEKRDHMVLLEFVTAAGITHGMDELY
KGLEVLFQGPSHHHHHH
;
A
2 'polypeptide(L)'
;GSMADVQLVESGGGLVQPGGSLRLSCAASGEIASIIAIGWYRQAPGKQRESVALITRSGMITYGDSAQGRFTISRDDAKN
TVYLHMDDLVPEDTAVYYCNAKKVSFGDYWGQGTQVTVSGLEVLFQGPSLEHHHHHH
;
D
#
# COMPACT_ATOMS: atom_id res chain seq x y z
N GLY A 5 -6.07 28.18 -6.24
CA GLY A 5 -5.68 26.83 -5.84
C GLY A 5 -6.78 26.25 -4.96
N GLU A 6 -6.82 26.70 -3.70
CA GLU A 6 -7.98 26.42 -2.87
C GLU A 6 -9.25 27.10 -3.40
N GLU A 7 -9.12 28.09 -4.30
CA GLU A 7 -10.29 28.71 -4.90
C GLU A 7 -11.13 27.70 -5.65
N LEU A 8 -10.51 26.70 -6.23
CA LEU A 8 -11.25 25.68 -6.97
C LEU A 8 -12.17 24.83 -6.10
N PHE A 9 -12.08 24.92 -4.79
CA PHE A 9 -12.78 24.00 -3.90
C PHE A 9 -13.83 24.71 -3.07
N THR A 10 -14.29 25.86 -3.53
CA THR A 10 -15.21 26.67 -2.74
C THR A 10 -16.61 26.07 -2.65
N GLY A 11 -17.01 25.30 -3.65
CA GLY A 11 -18.29 24.63 -3.60
C GLY A 11 -18.18 23.15 -3.94
N VAL A 12 -19.30 22.57 -4.37
CA VAL A 12 -19.36 21.18 -4.75
C VAL A 12 -18.59 20.97 -6.04
N VAL A 13 -17.84 19.87 -6.11
CA VAL A 13 -16.98 19.55 -7.20
C VAL A 13 -17.33 18.14 -7.71
N PRO A 14 -17.73 17.94 -8.92
CA PRO A 14 -17.93 16.57 -9.42
C PRO A 14 -16.61 15.84 -9.58
N ILE A 15 -16.65 14.52 -9.35
CA ILE A 15 -15.47 13.66 -9.37
C ILE A 15 -15.69 12.47 -10.31
N LEU A 16 -14.64 12.10 -11.02
CA LEU A 16 -14.52 10.88 -11.78
C LEU A 16 -13.31 10.09 -11.27
N VAL A 17 -13.49 8.77 -11.11
CA VAL A 17 -12.42 7.86 -10.77
C VAL A 17 -12.36 6.74 -11.80
N GLU A 18 -11.15 6.40 -12.22
CA GLU A 18 -10.89 5.38 -13.24
C GLU A 18 -9.76 4.53 -12.70
N LEU A 19 -9.97 3.22 -12.55
CA LEU A 19 -8.92 2.34 -12.05
C LEU A 19 -8.80 1.10 -12.93
N ASP A 20 -7.56 0.72 -13.26
CA ASP A 20 -7.26 -0.54 -13.95
C ASP A 20 -6.34 -1.36 -13.03
N GLY A 21 -6.71 -2.63 -12.79
CA GLY A 21 -6.01 -3.42 -11.81
C GLY A 21 -5.58 -4.79 -12.29
N ASP A 22 -4.63 -5.35 -11.54
CA ASP A 22 -4.19 -6.72 -11.73
C ASP A 22 -3.72 -7.23 -10.37
N VAL A 23 -4.48 -8.14 -9.77
CA VAL A 23 -4.08 -8.72 -8.50
C VAL A 23 -3.91 -10.21 -8.68
N ASN A 24 -2.68 -10.69 -8.41
CA ASN A 24 -2.34 -12.09 -8.65
C ASN A 24 -2.78 -12.57 -10.03
N GLY A 25 -2.74 -11.68 -11.04
CA GLY A 25 -3.10 -12.01 -12.41
C GLY A 25 -4.54 -11.75 -12.82
N HIS A 26 -5.45 -11.46 -11.88
CA HIS A 26 -6.84 -11.22 -12.24
C HIS A 26 -6.95 -9.75 -12.62
N LYS A 27 -7.12 -9.47 -13.91
CA LYS A 27 -7.24 -8.10 -14.38
C LYS A 27 -8.67 -7.62 -14.20
N PHE A 28 -8.82 -6.35 -13.88
CA PHE A 28 -10.14 -5.81 -13.72
C PHE A 28 -10.10 -4.31 -13.85
N SER A 29 -11.29 -3.72 -14.02
CA SER A 29 -11.47 -2.29 -14.18
C SER A 29 -12.58 -1.83 -13.27
N VAL A 30 -12.42 -0.62 -12.75
CA VAL A 30 -13.44 0.02 -11.93
C VAL A 30 -13.59 1.46 -12.39
N SER A 31 -14.83 1.91 -12.43
CA SER A 31 -15.12 3.29 -12.76
C SER A 31 -16.00 3.87 -11.67
N GLY A 32 -15.72 5.09 -11.26
CA GLY A 32 -16.49 5.73 -10.21
C GLY A 32 -16.79 7.18 -10.51
N GLU A 33 -17.84 7.68 -9.83
CA GLU A 33 -18.21 9.07 -9.95
C GLU A 33 -18.97 9.52 -8.70
N GLY A 34 -18.97 10.83 -8.50
CA GLY A 34 -19.67 11.43 -7.37
C GLY A 34 -19.26 12.88 -7.24
N GLU A 35 -19.24 13.37 -6.01
CA GLU A 35 -18.95 14.77 -5.82
C GLU A 35 -18.26 14.96 -4.48
N GLY A 36 -17.48 16.03 -4.40
CA GLY A 36 -16.80 16.37 -3.17
C GLY A 36 -17.06 17.81 -2.77
N ASP A 37 -17.12 18.01 -1.47
CA ASP A 37 -17.34 19.33 -0.88
C ASP A 37 -16.32 19.57 0.22
N ALA A 38 -15.21 20.23 -0.14
CA ALA A 38 -14.13 20.45 0.82
C ALA A 38 -14.55 21.37 1.98
N THR A 39 -15.57 22.20 1.78
CA THR A 39 -16.09 23.04 2.87
C THR A 39 -16.59 22.18 4.01
N TYR A 40 -17.24 21.06 3.68
CA TYR A 40 -17.73 20.14 4.69
C TYR A 40 -16.71 19.07 5.01
N GLY A 41 -15.70 18.92 4.17
CA GLY A 41 -14.85 17.75 4.26
C GLY A 41 -15.55 16.49 3.79
N LYS A 42 -16.39 16.59 2.76
CA LYS A 42 -17.32 15.50 2.45
C LYS A 42 -17.06 14.97 1.06
N LEU A 43 -17.05 13.66 0.95
CA LEU A 43 -16.84 12.95 -0.30
C LEU A 43 -17.92 11.90 -0.43
N THR A 44 -18.49 11.81 -1.62
CA THR A 44 -19.59 10.91 -1.85
C THR A 44 -19.44 10.33 -3.25
N LEU A 45 -19.15 9.03 -3.31
CA LEU A 45 -18.76 8.38 -4.57
C LEU A 45 -19.44 7.02 -4.72
N LYS A 46 -19.64 6.58 -5.97
CA LYS A 46 -20.13 5.25 -6.28
C LYS A 46 -19.24 4.62 -7.34
N PHE A 47 -18.80 3.38 -7.09
CA PHE A 47 -17.85 2.66 -7.93
C PHE A 47 -18.47 1.39 -8.46
N ILE A 48 -18.26 1.11 -9.74
CA ILE A 48 -18.76 -0.06 -10.43
C ILE A 48 -17.57 -0.86 -10.95
N CYS A 49 -17.58 -2.17 -10.69
CA CYS A 49 -16.60 -3.03 -11.35
C CYS A 49 -17.14 -3.35 -12.73
N THR A 50 -16.46 -2.86 -13.75
CA THR A 50 -16.98 -2.91 -15.11
C THR A 50 -16.64 -4.19 -15.83
N THR A 51 -15.70 -4.97 -15.31
CA THR A 51 -15.30 -6.20 -15.95
C THR A 51 -16.02 -7.41 -15.36
N GLY A 52 -16.87 -7.18 -14.36
CA GLY A 52 -17.65 -8.24 -13.74
C GLY A 52 -17.54 -8.19 -12.24
N LYS A 53 -16.94 -9.21 -11.64
CA LYS A 53 -16.81 -9.28 -10.20
C LYS A 53 -15.43 -8.79 -9.77
N LEU A 54 -15.41 -7.96 -8.76
CA LEU A 54 -14.14 -7.52 -8.20
C LEU A 54 -13.39 -8.67 -7.53
N PRO A 55 -12.14 -8.95 -7.94
CA PRO A 55 -11.42 -10.09 -7.36
C PRO A 55 -10.93 -9.86 -5.94
N VAL A 56 -11.17 -8.68 -5.38
CA VAL A 56 -10.78 -8.42 -4.00
C VAL A 56 -11.93 -7.75 -3.27
N PRO A 57 -11.94 -7.79 -1.94
CA PRO A 57 -13.00 -7.14 -1.18
C PRO A 57 -12.91 -5.66 -1.40
N TRP A 58 -14.06 -5.04 -1.58
CA TRP A 58 -14.11 -3.59 -1.78
C TRP A 58 -13.43 -2.78 -0.69
N PRO A 59 -13.52 -3.15 0.61
CA PRO A 59 -12.86 -2.32 1.64
C PRO A 59 -11.37 -2.16 1.40
N THR A 60 -10.70 -3.17 0.82
CA THR A 60 -9.26 -3.08 0.60
C THR A 60 -8.91 -1.96 -0.38
N LEU A 61 -9.86 -1.52 -1.19
CA LEU A 61 -9.61 -0.48 -2.17
C LEU A 61 -10.10 0.90 -1.75
N VAL A 62 -10.68 1.04 -0.57
CA VAL A 62 -11.19 2.34 -0.14
C VAL A 62 -10.08 3.41 -0.19
N THR A 63 -8.91 3.13 0.41
CA THR A 63 -7.87 4.16 0.45
C THR A 63 -7.40 4.56 -0.93
N THR A 64 -7.45 3.64 -1.89
CA THR A 64 -7.02 3.96 -3.24
C THR A 64 -8.03 4.86 -3.93
N PHE A 65 -9.32 4.56 -3.72
CA PHE A 65 -10.41 5.27 -4.37
C PHE A 65 -10.51 6.66 -3.77
N VAL A 67 -8.79 10.92 -3.04
CA VAL A 67 -8.98 12.34 -3.37
C VAL A 67 -9.03 13.13 -2.06
N GLN A 68 -7.66 13.40 -1.50
CA GLN A 68 -7.54 14.08 -0.20
C GLN A 68 -7.52 15.60 -0.32
N CYS A 69 -7.64 16.13 -1.53
CA CYS A 69 -7.91 17.53 -1.72
C CYS A 69 -9.30 17.94 -1.23
N PHE A 70 -10.17 17.00 -0.90
CA PHE A 70 -11.49 17.35 -0.39
C PHE A 70 -11.52 17.39 1.12
N ALA A 71 -10.37 17.21 1.77
CA ALA A 71 -10.29 17.39 3.21
C ALA A 71 -10.67 18.80 3.61
N ARG A 72 -11.37 18.95 4.73
CA ARG A 72 -11.63 20.28 5.28
C ARG A 72 -10.42 20.72 6.11
N TYR A 73 -9.78 21.80 5.72
CA TYR A 73 -8.72 22.39 6.51
C TYR A 73 -9.28 23.61 7.22
N PRO A 74 -9.29 23.66 8.55
CA PRO A 74 -9.67 24.90 9.26
C PRO A 74 -8.76 26.07 8.87
N ASP A 75 -9.21 27.29 9.16
CA ASP A 75 -8.54 28.49 8.66
C ASP A 75 -7.08 28.59 9.11
N HIS A 76 -6.80 28.30 10.38
CA HIS A 76 -5.43 28.34 10.92
C HIS A 76 -4.54 27.22 10.41
N MET A 77 -5.04 26.29 9.60
CA MET A 77 -4.23 25.24 9.00
C MET A 77 -4.15 25.35 7.48
N LYS A 78 -4.68 26.44 6.89
CA LYS A 78 -4.88 26.44 5.45
C LYS A 78 -3.57 26.56 4.67
N GLN A 79 -2.53 27.09 5.28
CA GLN A 79 -1.23 27.08 4.65
C GLN A 79 -0.54 25.72 4.73
N HIS A 80 -1.21 24.69 5.19
CA HIS A 80 -0.64 23.35 5.24
C HIS A 80 -1.39 22.40 4.33
N ASP A 81 -2.21 22.93 3.42
CA ASP A 81 -3.00 22.08 2.52
C ASP A 81 -2.24 21.90 1.22
N PHE A 82 -1.34 20.92 1.20
CA PHE A 82 -0.60 20.66 -0.04
C PHE A 82 -1.58 20.28 -1.15
N PHE A 83 -2.57 19.45 -0.85
CA PHE A 83 -3.38 18.82 -1.90
C PHE A 83 -4.07 19.85 -2.79
N LYS A 84 -4.71 20.86 -2.19
CA LYS A 84 -5.33 21.91 -3.00
C LYS A 84 -4.29 22.82 -3.65
N SER A 85 -3.17 23.06 -2.97
CA SER A 85 -2.22 24.01 -3.52
C SER A 85 -1.65 23.50 -4.82
N ALA A 86 -1.65 22.18 -5.03
CA ALA A 86 -1.12 21.61 -6.26
C ALA A 86 -2.07 21.66 -7.45
N MET A 87 -3.31 22.14 -7.26
CA MET A 87 -4.34 22.14 -8.29
C MET A 87 -4.29 23.45 -9.06
N PRO A 88 -4.70 23.44 -10.33
CA PRO A 88 -5.37 22.31 -10.98
C PRO A 88 -4.52 21.29 -11.72
N GLU A 89 -3.27 21.63 -12.03
CA GLU A 89 -2.40 20.66 -12.68
C GLU A 89 -2.31 19.34 -11.91
N GLY A 90 -2.42 19.36 -10.59
CA GLY A 90 -2.66 18.12 -9.86
C GLY A 90 -1.43 17.53 -9.20
N TYR A 91 -1.57 16.29 -8.74
CA TYR A 91 -0.46 15.55 -8.16
C TYR A 91 -0.50 14.08 -8.57
N VAL A 92 0.70 13.48 -8.53
CA VAL A 92 0.87 12.02 -8.57
C VAL A 92 0.77 11.47 -7.15
N GLN A 93 -0.13 10.53 -6.91
CA GLN A 93 -0.17 9.84 -5.63
C GLN A 93 0.29 8.41 -5.82
N GLU A 94 1.28 7.97 -5.03
CA GLU A 94 1.82 6.62 -5.17
C GLU A 94 1.77 5.92 -3.83
N ARG A 95 1.38 4.65 -3.87
CA ARG A 95 1.34 3.90 -2.62
C ARG A 95 1.91 2.50 -2.80
N THR A 96 2.38 1.95 -1.68
CA THR A 96 2.50 0.54 -1.43
C THR A 96 1.75 0.24 -0.12
N ILE A 97 0.99 -0.84 -0.14
CA ILE A 97 0.09 -1.24 0.93
C ILE A 97 0.42 -2.70 1.24
N PHE A 98 0.92 -2.96 2.44
CA PHE A 98 1.25 -4.32 2.86
C PHE A 98 0.13 -4.86 3.74
N PHE A 99 -0.57 -5.87 3.25
CA PHE A 99 -1.55 -6.61 4.04
C PHE A 99 -0.82 -7.68 4.90
N LYS A 100 -0.90 -7.56 6.21
CA LYS A 100 -0.08 -8.40 7.08
C LYS A 100 -0.32 -9.87 6.79
N ASP A 101 0.78 -10.62 6.59
CA ASP A 101 0.69 -12.07 6.38
C ASP A 101 -0.09 -12.42 5.12
N ASP A 102 -0.04 -11.53 4.14
CA ASP A 102 -0.77 -11.74 2.90
C ASP A 102 -0.10 -10.89 1.83
N GLY A 103 -0.88 -10.45 0.84
CA GLY A 103 -0.31 -9.75 -0.30
C GLY A 103 0.00 -8.29 -0.03
N ASN A 104 0.38 -7.61 -1.13
CA ASN A 104 0.60 -6.17 -1.15
C ASN A 104 0.07 -5.55 -2.44
N TYR A 105 -0.43 -4.32 -2.33
CA TYR A 105 -0.80 -3.54 -3.51
C TYR A 105 0.24 -2.45 -3.76
N LYS A 106 0.40 -2.08 -5.04
CA LYS A 106 1.20 -0.93 -5.46
C LYS A 106 0.31 -0.12 -6.38
N THR A 107 0.15 1.19 -6.09
CA THR A 107 -0.75 2.05 -6.85
C THR A 107 -0.05 3.33 -7.28
N ARG A 108 -0.31 3.74 -8.52
CA ARG A 108 0.07 5.06 -9.04
C ARG A 108 -1.17 5.76 -9.59
N ALA A 109 -1.46 6.96 -9.10
CA ALA A 109 -2.70 7.67 -9.41
C ALA A 109 -2.36 9.11 -9.76
N GLU A 110 -3.02 9.63 -10.79
CA GLU A 110 -2.92 11.03 -11.16
C GLU A 110 -4.24 11.70 -10.79
N VAL A 111 -4.16 12.73 -9.93
CA VAL A 111 -5.34 13.46 -9.45
C VAL A 111 -5.17 14.89 -9.93
N LYS A 112 -6.07 15.34 -10.78
CA LYS A 112 -5.95 16.68 -11.37
C LYS A 112 -7.31 17.11 -11.90
N PHE A 113 -7.47 18.42 -12.05
CA PHE A 113 -8.67 18.94 -12.64
C PHE A 113 -8.57 18.76 -14.15
N GLU A 114 -9.68 18.41 -14.75
CA GLU A 114 -9.82 18.44 -16.21
C GLU A 114 -11.11 19.13 -16.50
N GLY A 115 -11.01 20.42 -16.78
CA GLY A 115 -12.20 21.23 -16.79
C GLY A 115 -12.61 21.43 -15.36
N ASP A 116 -13.91 21.35 -15.09
CA ASP A 116 -14.46 21.48 -13.75
C ASP A 116 -14.52 20.13 -13.02
N THR A 117 -14.12 19.04 -13.63
CA THR A 117 -14.18 17.73 -12.99
C THR A 117 -12.83 17.39 -12.36
N LEU A 118 -12.86 16.98 -11.10
CA LEU A 118 -11.67 16.43 -10.45
C LEU A 118 -11.54 14.94 -10.77
N VAL A 119 -10.45 14.56 -11.45
CA VAL A 119 -10.29 13.20 -11.93
C VAL A 119 -9.17 12.48 -11.18
N ASN A 120 -9.42 11.21 -10.80
CA ASN A 120 -8.43 10.32 -10.17
C ASN A 120 -8.30 9.09 -11.05
N ARG A 121 -7.15 8.97 -11.73
CA ARG A 121 -6.85 7.90 -12.67
C ARG A 121 -5.77 6.98 -12.09
N ILE A 122 -6.09 5.70 -11.94
CA ILE A 122 -5.31 4.84 -11.06
C ILE A 122 -4.92 3.56 -11.77
N GLU A 123 -3.66 3.16 -11.60
CA GLU A 123 -3.19 1.83 -11.95
C GLU A 123 -2.73 1.12 -10.68
N LEU A 124 -3.20 -0.13 -10.53
CA LEU A 124 -3.01 -0.89 -9.32
C LEU A 124 -2.44 -2.25 -9.68
N LYS A 125 -1.43 -2.68 -8.93
CA LYS A 125 -0.79 -3.98 -9.12
C LYS A 125 -0.70 -4.65 -7.76
N GLY A 126 -1.37 -5.80 -7.61
CA GLY A 126 -1.29 -6.60 -6.39
C GLY A 126 -0.58 -7.91 -6.65
N ILE A 127 0.25 -8.35 -5.69
CA ILE A 127 0.96 -9.64 -5.78
C ILE A 127 1.10 -10.24 -4.39
N ASP A 128 1.54 -11.51 -4.35
CA ASP A 128 1.86 -12.27 -3.14
C ASP A 128 0.62 -12.59 -2.31
N PHE A 129 -0.57 -12.45 -2.87
CA PHE A 129 -1.75 -12.79 -2.08
C PHE A 129 -1.93 -14.31 -1.98
N LYS A 130 -2.48 -14.75 -0.85
CA LYS A 130 -2.67 -16.16 -0.56
C LYS A 130 -4.07 -16.57 -1.01
N GLU A 131 -4.14 -17.60 -1.84
CA GLU A 131 -5.39 -18.08 -2.39
C GLU A 131 -6.43 -18.29 -1.30
N ASP A 132 -6.02 -18.77 -0.13
CA ASP A 132 -6.98 -19.08 0.90
C ASP A 132 -6.91 -18.09 2.07
N GLY A 133 -6.46 -16.86 1.80
CA GLY A 133 -6.36 -15.86 2.84
C GLY A 133 -7.57 -14.95 2.89
N ASN A 134 -7.49 -13.96 3.79
CA ASN A 134 -8.67 -13.15 4.05
C ASN A 134 -9.06 -12.25 2.88
N ILE A 135 -8.12 -11.89 2.03
CA ILE A 135 -8.45 -10.98 0.92
C ILE A 135 -8.93 -11.75 -0.30
N LEU A 136 -8.16 -12.70 -0.80
CA LEU A 136 -8.66 -13.49 -1.91
C LEU A 136 -9.81 -14.40 -1.50
N GLY A 137 -10.00 -14.68 -0.22
CA GLY A 137 -11.17 -15.37 0.26
C GLY A 137 -12.37 -14.52 0.59
N HIS A 138 -12.28 -13.20 0.45
CA HIS A 138 -13.38 -12.28 0.77
C HIS A 138 -13.96 -12.54 2.15
N LYS A 139 -13.07 -12.56 3.14
CA LYS A 139 -13.46 -12.74 4.53
C LYS A 139 -13.47 -11.43 5.29
N LEU A 140 -13.37 -10.29 4.58
CA LEU A 140 -13.44 -8.97 5.18
C LEU A 140 -14.88 -8.50 5.33
N GLU A 141 -15.19 -7.92 6.48
CA GLU A 141 -16.50 -7.34 6.67
C GLU A 141 -16.62 -6.11 5.78
N TYR A 142 -17.86 -5.80 5.41
CA TYR A 142 -18.17 -4.65 4.56
C TYR A 142 -18.34 -3.38 5.39
N ASN A 143 -17.25 -2.94 6.02
CA ASN A 143 -17.31 -1.73 6.83
C ASN A 143 -15.92 -1.12 6.84
N TYR A 144 -15.80 -0.03 7.55
CA TYR A 144 -14.54 0.68 7.70
C TYR A 144 -14.54 1.30 9.09
N ASN A 145 -13.35 1.70 9.54
CA ASN A 145 -13.14 2.30 10.84
C ASN A 145 -12.47 3.65 10.65
N SER A 146 -12.50 4.48 11.67
CA SER A 146 -11.85 5.77 11.50
C SER A 146 -10.35 5.64 11.71
N HIS A 147 -9.61 6.49 11.02
CA HIS A 147 -8.17 6.44 11.09
C HIS A 147 -7.60 7.83 10.95
N ASN A 148 -6.47 8.04 11.59
CA ASN A 148 -5.67 9.26 11.46
C ASN A 148 -4.57 9.00 10.44
N VAL A 149 -4.37 9.97 9.56
CA VAL A 149 -3.40 9.88 8.47
C VAL A 149 -2.33 10.92 8.77
N TYR A 150 -1.08 10.50 8.79
CA TYR A 150 0.02 11.36 9.23
C TYR A 150 0.78 11.89 8.02
N ILE A 151 0.79 13.21 7.90
CA ILE A 151 1.23 13.93 6.72
C ILE A 151 2.52 14.66 7.07
N MET A 152 3.58 14.36 6.34
CA MET A 152 4.85 15.09 6.51
C MET A 152 5.31 15.70 5.20
N ALA A 153 5.95 16.85 5.28
CA ALA A 153 6.56 17.43 4.11
C ALA A 153 7.73 16.58 3.64
N ASP A 154 8.06 16.73 2.35
CA ASP A 154 9.21 16.06 1.73
C ASP A 154 9.86 17.07 0.76
N LYS A 155 10.39 18.17 1.32
CA LYS A 155 10.84 19.29 0.50
C LYS A 155 11.70 18.85 -0.67
N GLN A 156 12.44 17.76 -0.51
CA GLN A 156 13.38 17.29 -1.52
C GLN A 156 12.67 16.84 -2.80
N LYS A 157 11.53 16.19 -2.69
CA LYS A 157 10.73 15.87 -3.87
C LYS A 157 9.62 16.88 -4.08
N ASN A 158 9.63 17.98 -3.31
CA ASN A 158 8.58 19.01 -3.39
C ASN A 158 7.20 18.44 -3.09
N GLY A 159 7.12 17.55 -2.13
CA GLY A 159 5.84 16.97 -1.79
C GLY A 159 5.74 16.50 -0.38
N ILE A 160 4.90 15.49 -0.19
CA ILE A 160 4.60 14.98 1.14
C ILE A 160 4.76 13.47 1.15
N LYS A 161 5.18 12.96 2.30
CA LYS A 161 5.14 11.54 2.61
C LYS A 161 4.07 11.30 3.68
N VAL A 162 3.45 10.13 3.59
CA VAL A 162 2.34 9.71 4.43
C VAL A 162 2.55 8.25 4.76
N ASN A 163 2.33 7.88 6.04
CA ASN A 163 2.35 6.52 6.56
C ASN A 163 1.13 6.41 7.48
N PHE A 164 0.43 5.29 7.41
CA PHE A 164 -0.67 5.02 8.33
C PHE A 164 -1.00 3.54 8.19
N LYS A 165 -1.68 3.00 9.18
CA LYS A 165 -2.10 1.62 9.19
C LYS A 165 -3.62 1.53 9.24
N ILE A 166 -4.21 0.73 8.35
CA ILE A 166 -5.65 0.53 8.33
C ILE A 166 -5.97 -0.75 9.09
N ARG A 167 -7.02 -0.70 9.88
CA ARG A 167 -7.55 -1.89 10.54
C ARG A 167 -8.82 -2.33 9.80
N HIS A 168 -8.73 -3.42 9.07
CA HIS A 168 -9.90 -4.01 8.43
C HIS A 168 -10.50 -5.05 9.36
N ASN A 169 -11.79 -4.91 9.67
CA ASN A 169 -12.48 -5.92 10.45
C ASN A 169 -12.67 -7.18 9.61
N ILE A 170 -12.37 -8.34 10.21
CA ILE A 170 -12.49 -9.64 9.57
C ILE A 170 -13.76 -10.31 10.08
N GLU A 171 -14.36 -11.18 9.26
CA GLU A 171 -15.66 -11.75 9.59
C GLU A 171 -15.63 -12.63 10.85
N ASP A 172 -14.48 -12.86 11.47
CA ASP A 172 -14.39 -13.71 12.65
C ASP A 172 -14.13 -12.93 13.94
N GLY A 173 -14.20 -11.62 13.91
CA GLY A 173 -13.90 -10.79 15.05
C GLY A 173 -12.51 -10.19 15.02
N SER A 174 -11.56 -10.86 14.39
CA SER A 174 -10.19 -10.38 14.33
C SER A 174 -10.05 -9.16 13.42
N VAL A 175 -8.85 -8.61 13.38
CA VAL A 175 -8.49 -7.46 12.59
C VAL A 175 -7.26 -7.79 11.74
N HIS A 176 -7.25 -7.26 10.53
CA HIS A 176 -6.19 -7.45 9.57
C HIS A 176 -5.59 -6.07 9.26
N LEU A 177 -4.30 -5.92 9.49
CA LEU A 177 -3.63 -4.64 9.30
C LEU A 177 -3.19 -4.45 7.87
N ALA A 178 -3.30 -3.21 7.38
CA ALA A 178 -2.81 -2.84 6.05
C ALA A 178 -1.91 -1.62 6.18
N ASP A 179 -0.61 -1.82 6.04
CA ASP A 179 0.40 -0.80 6.31
C ASP A 179 0.65 0.00 5.04
N HIS A 180 0.33 1.30 5.08
CA HIS A 180 0.30 2.16 3.90
C HIS A 180 1.56 3.03 3.89
N TYR A 181 2.23 3.09 2.74
CA TYR A 181 3.34 4.00 2.48
C TYR A 181 2.95 4.81 1.26
N GLN A 182 3.00 6.13 1.39
CA GLN A 182 2.40 7.00 0.40
C GLN A 182 3.31 8.19 0.16
N GLN A 183 3.35 8.67 -1.07
CA GLN A 183 4.01 9.94 -1.36
C GLN A 183 3.26 10.64 -2.48
N ASN A 184 3.17 11.95 -2.37
CA ASN A 184 2.48 12.76 -3.35
C ASN A 184 3.44 13.80 -3.86
N THR A 185 3.52 13.93 -5.19
CA THR A 185 4.38 14.94 -5.79
C THR A 185 3.62 15.71 -6.87
N PRO A 186 3.83 17.01 -6.93
CA PRO A 186 3.05 17.83 -7.86
C PRO A 186 3.31 17.52 -9.32
N ILE A 187 2.25 17.54 -10.12
CA ILE A 187 2.41 17.42 -11.56
C ILE A 187 2.88 18.73 -12.14
N GLY A 188 2.39 19.86 -11.61
CA GLY A 188 2.72 21.15 -12.18
C GLY A 188 4.12 21.61 -11.84
N ASP A 189 4.60 22.60 -12.59
CA ASP A 189 5.91 23.20 -12.33
C ASP A 189 5.84 24.34 -11.33
N GLY A 190 4.65 24.72 -10.91
CA GLY A 190 4.45 25.84 -10.01
C GLY A 190 4.64 25.52 -8.53
N PRO A 191 4.44 26.49 -7.65
CA PRO A 191 4.82 26.32 -6.25
C PRO A 191 3.65 25.81 -5.44
N VAL A 192 3.98 24.98 -4.46
CA VAL A 192 2.97 24.30 -3.66
C VAL A 192 3.20 24.62 -2.19
N LEU A 193 2.20 24.29 -1.38
CA LEU A 193 2.34 24.44 0.07
C LEU A 193 2.96 23.17 0.64
N LEU A 194 4.12 23.30 1.25
CA LEU A 194 4.73 22.16 1.94
C LEU A 194 4.39 22.29 3.41
N PRO A 195 3.60 21.38 3.99
CA PRO A 195 3.06 21.63 5.33
C PRO A 195 4.00 21.17 6.44
N ASP A 196 3.76 21.77 7.60
CA ASP A 196 4.19 21.17 8.85
C ASP A 196 3.40 19.89 9.13
N ASN A 197 3.98 19.07 10.01
CA ASN A 197 3.38 17.80 10.36
C ASN A 197 1.98 18.02 10.93
N HIS A 198 1.03 17.24 10.44
CA HIS A 198 -0.35 17.31 10.88
C HIS A 198 -1.01 16.02 10.46
N TYR A 199 -2.27 15.86 10.81
CA TYR A 199 -2.95 14.65 10.35
C TYR A 199 -4.33 15.01 9.85
N LEU A 200 -4.84 14.13 9.01
CA LEU A 200 -6.22 14.13 8.56
C LEU A 200 -6.98 13.07 9.32
N SER A 201 -8.07 13.47 9.98
CA SER A 201 -8.96 12.53 10.64
C SER A 201 -9.98 12.07 9.61
N THR A 202 -10.02 10.75 9.32
CA THR A 202 -10.84 10.22 8.24
C THR A 202 -11.88 9.22 8.74
N GLN A 203 -13.12 9.43 8.31
CA GLN A 203 -14.20 8.49 8.56
C GLN A 203 -14.76 8.00 7.24
N SER A 204 -15.09 6.71 7.15
CA SER A 204 -15.64 6.18 5.91
C SER A 204 -16.79 5.25 6.20
N ALA A 205 -17.85 5.36 5.39
CA ALA A 205 -19.01 4.50 5.47
C ALA A 205 -19.27 3.86 4.11
N LEU A 206 -19.47 2.56 4.09
CA LEU A 206 -19.69 1.82 2.86
C LEU A 206 -21.12 1.32 2.81
N SER A 207 -21.78 1.49 1.68
CA SER A 207 -23.13 0.96 1.54
C SER A 207 -23.28 0.41 0.14
N LYS A 208 -24.52 0.04 -0.18
CA LYS A 208 -24.91 -0.52 -1.46
C LYS A 208 -26.09 0.28 -2.00
N ASP A 209 -26.14 0.42 -3.32
CA ASP A 209 -27.28 0.93 -4.08
C ASP A 209 -28.28 -0.21 -4.31
N PRO A 210 -29.46 -0.15 -3.70
CA PRO A 210 -30.39 -1.28 -3.88
C PRO A 210 -30.84 -1.48 -5.32
N ASN A 211 -30.70 -0.47 -6.19
CA ASN A 211 -31.09 -0.58 -7.59
C ASN A 211 -29.92 -0.89 -8.53
N GLU A 212 -28.74 -1.18 -7.99
CA GLU A 212 -27.56 -1.47 -8.78
C GLU A 212 -27.34 -2.98 -8.83
N LYS A 213 -27.49 -3.55 -10.02
CA LYS A 213 -27.30 -4.98 -10.20
C LYS A 213 -25.85 -5.36 -10.37
N ARG A 214 -25.00 -4.43 -10.80
CA ARG A 214 -23.57 -4.71 -10.97
C ARG A 214 -22.84 -4.67 -9.63
N ASP A 215 -21.69 -5.36 -9.59
CA ASP A 215 -20.82 -5.34 -8.42
C ASP A 215 -20.26 -3.94 -8.18
N HIS A 216 -20.49 -3.42 -6.97
CA HIS A 216 -20.24 -2.00 -6.74
C HIS A 216 -20.08 -1.67 -5.26
N MET A 217 -19.69 -0.42 -5.02
CA MET A 217 -19.61 0.12 -3.67
C MET A 217 -19.99 1.59 -3.72
N VAL A 218 -20.88 1.98 -2.79
CA VAL A 218 -21.09 3.37 -2.43
C VAL A 218 -20.19 3.74 -1.24
N LEU A 219 -19.44 4.83 -1.38
CA LEU A 219 -18.50 5.28 -0.37
C LEU A 219 -18.82 6.71 0.05
N LEU A 220 -18.96 6.95 1.34
CA LEU A 220 -19.01 8.30 1.90
C LEU A 220 -17.82 8.48 2.81
N GLU A 221 -17.09 9.57 2.64
CA GLU A 221 -15.98 9.86 3.50
C GLU A 221 -16.19 11.25 4.05
N PHE A 222 -15.75 11.45 5.30
CA PHE A 222 -15.67 12.74 5.95
C PHE A 222 -14.24 12.91 6.42
N VAL A 223 -13.60 13.99 5.98
CA VAL A 223 -12.20 14.19 6.27
C VAL A 223 -11.94 15.60 6.76
N THR A 224 -11.14 15.68 7.84
CA THR A 224 -10.79 16.93 8.51
C THR A 224 -9.35 16.94 9.01
N ALA A 225 -8.67 18.08 8.80
CA ALA A 225 -7.28 18.23 9.21
C ALA A 225 -7.18 18.79 10.62
N ALA A 226 -6.14 18.38 11.37
CA ALA A 226 -5.87 18.91 12.71
C ALA A 226 -4.40 18.69 13.09
N GLY A 227 -3.98 19.40 14.15
CA GLY A 227 -2.66 19.15 14.74
C GLY A 227 -1.62 20.25 14.75
N ASP B 5 19.14 4.29 -6.87
CA ASP B 5 19.60 2.89 -6.88
C ASP B 5 19.91 2.42 -5.46
N VAL B 6 19.52 1.20 -5.11
CA VAL B 6 20.06 0.57 -3.91
C VAL B 6 20.62 -0.80 -4.31
N GLN B 7 21.62 -1.24 -3.55
CA GLN B 7 22.34 -2.48 -3.80
C GLN B 7 22.13 -3.38 -2.60
N LEU B 8 21.88 -4.66 -2.89
CA LEU B 8 21.65 -5.67 -1.87
C LEU B 8 22.75 -6.72 -1.94
N VAL B 9 23.40 -6.99 -0.81
CA VAL B 9 24.41 -8.03 -0.70
C VAL B 9 23.89 -9.11 0.24
N GLU B 10 23.91 -10.36 -0.22
CA GLU B 10 23.45 -11.52 0.51
C GLU B 10 24.65 -12.34 0.97
N SER B 11 24.48 -12.99 2.12
CA SER B 11 25.44 -13.99 2.57
C SER B 11 24.69 -14.98 3.44
N GLY B 12 25.36 -16.09 3.72
CA GLY B 12 24.89 -17.03 4.68
C GLY B 12 24.12 -18.25 4.17
N GLY B 13 24.29 -18.65 2.92
CA GLY B 13 23.56 -19.77 2.38
C GLY B 13 24.04 -21.12 2.86
N GLY B 14 23.78 -22.14 2.04
CA GLY B 14 24.57 -23.34 2.08
C GLY B 14 23.92 -24.63 2.49
N LEU B 15 24.77 -25.56 2.89
CA LEU B 15 24.35 -26.90 3.22
C LEU B 15 23.88 -26.94 4.66
N VAL B 16 22.77 -27.63 4.91
CA VAL B 16 22.32 -27.86 6.26
C VAL B 16 21.59 -29.18 6.27
N GLN B 17 21.60 -29.88 7.46
CA GLN B 17 20.92 -31.15 7.74
C GLN B 17 19.49 -30.91 8.19
N PRO B 18 18.61 -31.89 7.99
CA PRO B 18 17.23 -31.72 8.49
C PRO B 18 17.22 -31.55 10.00
N GLY B 19 16.32 -30.68 10.47
CA GLY B 19 16.25 -30.35 11.88
C GLY B 19 17.19 -29.24 12.30
N GLY B 20 18.15 -28.89 11.47
CA GLY B 20 19.12 -27.88 11.82
C GLY B 20 18.62 -26.48 11.49
N SER B 21 19.56 -25.56 11.53
CA SER B 21 19.19 -24.17 11.39
C SER B 21 20.22 -23.44 10.56
N LEU B 22 19.79 -22.34 9.96
CA LEU B 22 20.61 -21.56 9.05
C LEU B 22 20.29 -20.10 9.28
N ARG B 23 21.26 -19.25 8.98
CA ARG B 23 20.96 -17.84 8.91
C ARG B 23 21.36 -17.24 7.59
N LEU B 24 20.45 -16.40 7.07
CA LEU B 24 20.70 -15.57 5.92
C LEU B 24 20.77 -14.10 6.36
N SER B 25 21.69 -13.36 5.79
CA SER B 25 21.69 -11.92 6.01
C SER B 25 21.71 -11.19 4.68
N CYS B 26 21.29 -9.94 4.72
CA CYS B 26 21.25 -9.11 3.53
C CYS B 26 21.53 -7.67 3.93
N ALA B 27 22.57 -7.07 3.36
CA ALA B 27 22.92 -5.69 3.63
C ALA B 27 22.53 -4.82 2.43
N ALA B 28 21.90 -3.69 2.70
CA ALA B 28 21.50 -2.73 1.68
C ALA B 28 22.32 -1.45 1.78
N SER B 29 22.70 -0.92 0.61
CA SER B 29 23.44 0.33 0.52
C SER B 29 22.85 1.28 -0.53
N GLY B 30 23.14 2.56 -0.34
CA GLY B 30 22.73 3.59 -1.29
C GLY B 30 21.57 4.39 -0.74
N GLU B 31 20.50 4.51 -1.53
CA GLU B 31 19.32 5.30 -1.18
C GLU B 31 18.44 4.56 -0.17
N ILE B 32 18.97 4.50 1.06
CA ILE B 32 18.32 3.76 2.14
C ILE B 32 16.99 4.37 2.53
N ALA B 33 16.85 5.68 2.44
CA ALA B 33 15.67 6.36 2.97
C ALA B 33 14.42 6.02 2.17
N SER B 34 14.59 5.49 0.98
CA SER B 34 13.47 5.17 0.13
C SER B 34 12.93 3.78 0.37
N ILE B 35 13.60 2.98 1.20
CA ILE B 35 13.20 1.60 1.42
C ILE B 35 12.08 1.56 2.44
N ILE B 36 10.94 0.96 2.08
CA ILE B 36 9.82 0.85 3.03
C ILE B 36 9.69 -0.58 3.56
N ALA B 37 10.26 -1.55 2.88
CA ALA B 37 10.19 -2.93 3.35
C ALA B 37 11.41 -3.66 2.82
N ILE B 38 11.89 -4.62 3.61
CA ILE B 38 12.97 -5.49 3.19
C ILE B 38 12.73 -6.90 3.71
N GLY B 39 13.18 -7.89 2.93
CA GLY B 39 12.99 -9.25 3.36
C GLY B 39 13.39 -10.24 2.29
N TRP B 40 12.67 -11.35 2.24
CA TRP B 40 13.13 -12.47 1.44
C TRP B 40 11.98 -13.16 0.73
N TYR B 41 12.28 -13.58 -0.48
CA TYR B 41 11.51 -14.51 -1.28
C TYR B 41 12.34 -15.78 -1.44
N ARG B 42 11.68 -16.85 -1.84
CA ARG B 42 12.35 -18.11 -2.11
C ARG B 42 11.72 -18.70 -3.36
N GLN B 43 12.51 -19.51 -4.07
CA GLN B 43 11.98 -20.25 -5.22
C GLN B 43 12.55 -21.65 -5.17
N ALA B 44 11.68 -22.61 -4.96
CA ALA B 44 12.02 -24.01 -4.88
C ALA B 44 12.00 -24.62 -6.28
N PRO B 45 12.56 -25.82 -6.41
CA PRO B 45 12.62 -26.45 -7.73
C PRO B 45 11.23 -26.60 -8.33
N GLY B 46 11.07 -26.08 -9.54
CA GLY B 46 9.86 -26.29 -10.30
C GLY B 46 8.70 -25.46 -9.81
N LYS B 47 8.94 -24.54 -8.90
CA LYS B 47 7.89 -23.74 -8.31
C LYS B 47 8.17 -22.28 -8.59
N GLN B 48 7.10 -21.51 -8.50
CA GLN B 48 7.15 -20.08 -8.65
C GLN B 48 7.69 -19.45 -7.38
N ARG B 49 8.32 -18.30 -7.53
CA ARG B 49 8.76 -17.48 -6.41
C ARG B 49 7.60 -17.12 -5.50
N GLU B 50 7.81 -17.32 -4.19
CA GLU B 50 6.85 -17.06 -3.13
C GLU B 50 7.52 -16.17 -2.09
N SER B 51 6.78 -15.22 -1.53
CA SER B 51 7.32 -14.38 -0.47
C SER B 51 7.44 -15.18 0.82
N VAL B 52 8.47 -14.90 1.60
CA VAL B 52 8.76 -15.66 2.81
C VAL B 52 8.58 -14.80 4.07
N ALA B 53 9.17 -13.61 4.07
CA ALA B 53 9.16 -12.76 5.25
C ALA B 53 9.59 -11.36 4.86
N LEU B 54 8.85 -10.35 5.32
CA LEU B 54 9.25 -8.96 5.15
C LEU B 54 9.07 -8.25 6.48
N ILE B 55 9.76 -7.12 6.62
CA ILE B 55 9.53 -6.22 7.73
C ILE B 55 9.50 -4.81 7.15
N THR B 56 8.47 -4.07 7.48
CA THR B 56 8.26 -2.73 6.93
C THR B 56 8.91 -1.67 7.82
N ARG B 57 9.08 -0.47 7.25
CA ARG B 57 9.73 0.63 7.98
C ARG B 57 9.06 0.85 9.33
N SER B 58 7.75 0.68 9.40
CA SER B 58 7.05 0.80 10.67
C SER B 58 7.27 -0.37 11.60
N GLY B 59 8.02 -1.38 11.18
CA GLY B 59 8.25 -2.52 12.05
C GLY B 59 7.23 -3.63 11.91
N MET B 60 6.25 -3.48 11.05
CA MET B 60 5.31 -4.56 10.89
C MET B 60 5.97 -5.73 10.17
N ILE B 61 5.64 -6.94 10.60
CA ILE B 61 6.24 -8.14 10.03
C ILE B 61 5.17 -8.93 9.30
N THR B 62 5.53 -9.48 8.15
CA THR B 62 4.59 -10.18 7.29
C THR B 62 5.28 -11.42 6.74
N TYR B 63 4.65 -12.55 6.96
CA TYR B 63 5.18 -13.84 6.55
C TYR B 63 4.35 -14.46 5.44
N GLY B 64 5.03 -15.07 4.46
CA GLY B 64 4.36 -15.95 3.52
C GLY B 64 4.08 -17.30 4.16
N ASP B 65 3.46 -18.19 3.36
CA ASP B 65 3.01 -19.47 3.87
C ASP B 65 4.15 -20.42 4.25
N SER B 66 5.35 -20.26 3.68
CA SER B 66 6.42 -21.19 4.01
C SER B 66 6.99 -20.94 5.41
N ALA B 67 6.82 -19.76 5.99
CA ALA B 67 7.32 -19.51 7.35
C ALA B 67 6.83 -20.59 8.31
N GLN B 68 5.53 -20.66 8.53
CA GLN B 68 4.95 -21.67 9.42
C GLN B 68 5.57 -21.58 10.81
N GLY B 69 5.85 -20.36 11.24
CA GLY B 69 6.41 -20.15 12.57
C GLY B 69 7.81 -20.67 12.77
N ARG B 70 8.44 -21.21 11.73
CA ARG B 70 9.81 -21.68 11.82
C ARG B 70 10.83 -20.62 11.43
N PHE B 71 10.43 -19.63 10.62
CA PHE B 71 11.33 -18.57 10.19
C PHE B 71 11.05 -17.28 10.96
N THR B 72 12.09 -16.54 11.28
CA THR B 72 12.05 -15.31 12.04
C THR B 72 12.84 -14.28 11.23
N ILE B 73 12.34 -13.05 11.15
CA ILE B 73 13.04 -12.00 10.44
C ILE B 73 13.29 -10.88 11.43
N SER B 74 14.50 -10.33 11.44
CA SER B 74 14.81 -9.18 12.26
C SER B 74 15.64 -8.22 11.43
N ARG B 75 15.74 -6.99 11.92
CA ARG B 75 16.37 -5.93 11.15
C ARG B 75 17.26 -5.11 12.08
N ASP B 76 18.51 -4.92 11.65
CA ASP B 76 19.47 -4.04 12.31
C ASP B 76 19.41 -2.72 11.53
N ASP B 77 18.56 -1.80 11.96
CA ASP B 77 18.43 -0.54 11.25
C ASP B 77 19.73 0.25 11.26
N ALA B 78 20.60 0.04 12.24
CA ALA B 78 21.86 0.77 12.29
C ALA B 78 22.79 0.34 11.16
N LYS B 79 23.07 -0.96 11.06
CA LYS B 79 23.96 -1.50 10.05
C LYS B 79 23.20 -1.81 8.74
N ASN B 80 22.02 -1.22 8.57
CA ASN B 80 21.07 -1.50 7.49
C ASN B 80 21.17 -2.91 6.90
N THR B 81 20.97 -3.89 7.78
CA THR B 81 21.03 -5.31 7.45
C THR B 81 19.75 -5.95 7.97
N VAL B 82 19.26 -6.91 7.22
CA VAL B 82 18.12 -7.71 7.62
C VAL B 82 18.60 -9.14 7.74
N TYR B 83 17.97 -9.90 8.64
CA TYR B 83 18.37 -11.26 8.90
C TYR B 83 17.18 -12.20 8.81
N LEU B 84 17.40 -13.36 8.22
CA LEU B 84 16.43 -14.44 8.20
C LEU B 84 16.99 -15.62 8.97
N HIS B 85 16.35 -15.92 10.10
CA HIS B 85 16.65 -17.08 10.91
C HIS B 85 15.70 -18.21 10.53
N MET B 86 16.26 -19.33 10.07
CA MET B 86 15.46 -20.46 9.63
C MET B 86 15.87 -21.68 10.44
N ASP B 87 14.93 -22.32 11.11
CA ASP B 87 15.26 -23.51 11.86
C ASP B 87 14.20 -24.59 11.64
N ASP B 88 14.45 -25.77 12.23
CA ASP B 88 13.55 -26.90 12.04
C ASP B 88 13.34 -27.13 10.54
N LEU B 89 14.45 -27.16 9.83
CA LEU B 89 14.45 -27.18 8.38
C LEU B 89 14.17 -28.58 7.86
N VAL B 90 13.54 -28.65 6.69
CA VAL B 90 13.22 -29.93 6.09
C VAL B 90 13.74 -29.90 4.64
N PRO B 91 13.84 -31.09 4.04
CA PRO B 91 14.28 -31.15 2.62
C PRO B 91 13.49 -30.24 1.69
N GLU B 92 12.18 -30.06 1.95
CA GLU B 92 11.34 -29.23 1.09
C GLU B 92 11.64 -27.74 1.22
N ASP B 93 12.47 -27.34 2.16
CA ASP B 93 12.94 -25.97 2.18
C ASP B 93 14.08 -25.70 1.20
N THR B 94 14.54 -26.71 0.48
CA THR B 94 15.63 -26.51 -0.47
C THR B 94 15.18 -25.59 -1.61
N ALA B 95 15.92 -24.51 -1.82
CA ALA B 95 15.49 -23.47 -2.72
C ALA B 95 16.51 -22.36 -2.76
N VAL B 96 16.27 -21.40 -3.66
CA VAL B 96 17.07 -20.18 -3.78
C VAL B 96 16.36 -19.07 -3.02
N TYR B 97 17.07 -18.46 -2.10
CA TYR B 97 16.54 -17.40 -1.27
C TYR B 97 17.07 -16.08 -1.79
N TYR B 98 16.16 -15.17 -2.10
CA TYR B 98 16.48 -13.86 -2.67
C TYR B 98 16.13 -12.78 -1.66
N CYS B 99 17.12 -11.98 -1.28
CA CYS B 99 16.83 -10.74 -0.60
C CYS B 99 16.02 -9.81 -1.53
N ASN B 100 15.11 -9.05 -0.95
CA ASN B 100 14.25 -8.13 -1.70
C ASN B 100 14.03 -6.86 -0.89
N ALA B 101 14.18 -5.71 -1.55
CA ALA B 101 13.87 -4.42 -0.94
C ALA B 101 12.83 -3.68 -1.79
N LYS B 102 11.87 -3.08 -1.09
CA LYS B 102 10.74 -2.39 -1.71
C LYS B 102 10.76 -0.89 -1.43
N LYS B 103 10.29 -0.13 -2.40
CA LYS B 103 10.05 1.30 -2.28
C LYS B 103 8.59 1.60 -2.56
N VAL B 104 8.22 2.88 -2.50
CA VAL B 104 6.80 3.17 -2.63
C VAL B 104 6.38 3.00 -4.08
N SER B 105 7.27 3.30 -5.03
CA SER B 105 6.97 3.28 -6.46
C SER B 105 7.14 1.89 -7.07
N PHE B 106 6.67 1.74 -8.32
CA PHE B 106 6.72 0.43 -8.97
C PHE B 106 8.18 -0.01 -9.11
N GLY B 107 8.44 -1.30 -8.93
CA GLY B 107 9.75 -1.81 -9.28
C GLY B 107 10.56 -2.10 -8.04
N ASP B 108 10.98 -3.34 -7.82
CA ASP B 108 11.65 -3.72 -6.60
C ASP B 108 13.16 -3.78 -6.82
N TYR B 109 13.91 -3.92 -5.73
CA TYR B 109 15.33 -4.20 -5.76
C TYR B 109 15.53 -5.65 -5.33
N TRP B 110 16.37 -6.37 -6.05
CA TRP B 110 16.60 -7.78 -5.76
C TRP B 110 18.08 -8.08 -5.55
N GLY B 111 18.33 -9.07 -4.70
CA GLY B 111 19.67 -9.63 -4.56
C GLY B 111 19.92 -10.74 -5.56
N GLN B 112 21.17 -11.23 -5.56
CA GLN B 112 21.59 -12.17 -6.59
C GLN B 112 20.99 -13.55 -6.37
N GLY B 113 20.57 -13.86 -5.16
CA GLY B 113 20.10 -15.19 -4.82
C GLY B 113 21.14 -16.03 -4.13
N THR B 114 20.72 -16.84 -3.15
CA THR B 114 21.64 -17.72 -2.44
C THR B 114 21.06 -19.11 -2.28
N GLN B 115 21.82 -20.12 -2.68
CA GLN B 115 21.31 -21.48 -2.56
C GLN B 115 21.25 -21.90 -1.10
N VAL B 116 20.14 -22.51 -0.72
CA VAL B 116 20.03 -23.24 0.52
C VAL B 116 19.66 -24.67 0.18
N THR B 117 20.47 -25.63 0.60
CA THR B 117 20.17 -27.03 0.39
C THR B 117 20.07 -27.74 1.73
N VAL B 118 18.96 -28.44 1.96
CA VAL B 118 18.73 -29.23 3.17
C VAL B 118 18.76 -30.69 2.77
N SER B 119 19.70 -31.45 3.36
CA SER B 119 19.83 -32.87 3.09
C SER B 119 20.77 -33.50 4.13
N GLY B 120 20.66 -34.82 4.27
CA GLY B 120 21.55 -35.56 5.16
C GLY B 120 22.90 -35.71 4.52
#